data_1TLC
#
_entry.id   1TLC
#
_cell.length_a   127.140
_cell.length_b   127.140
_cell.length_c   67.860
_cell.angle_alpha   90.00
_cell.angle_beta   90.00
_cell.angle_gamma   120.00
#
_symmetry.space_group_name_H-M   'P 63'
#
loop_
_entity.id
_entity.type
_entity.pdbx_description
1 polymer 'THYMIDYLATE SYNTHASE'
2 non-polymer "2'-DEOXYGUANOSINE-5'-MONOPHOSPHATE"
3 non-polymer 'S)-2-(5(((1,2-DIHYDRO-3-METHYL-1-OXOBENZO(F)QUINAZOLIN-9-YL)METHYL)AMINO)1-OXO-2-ISOINDOLINYL)GLUTARIC ACID'
4 water water
#
_entity_poly.entity_id   1
_entity_poly.type   'polypeptide(L)'
_entity_poly.pdbx_seq_one_letter_code
;(FMT)MKQYLELMQKVLDEGTQKNDRTGTGTLSIFGHQMRFNLQDGFPLVTTKRCHLRSIIHELLWFLQGDTNIAYLHEN
NVTIWDEWADENGDLGPVYGKQWRAWPTPDGRHIDQITTVLNQLKNDPDSRRIIVSAWNVGELDKMALAPCHAFFQFYVA
DGKLSCQLYQRSCDVFLGLPFNIASYALLVHMMAQQCDLEVGDFVWTGGDTHLYSNHMDQTHLQLSREPRPLPKLIIKRK
PESIFDYRFEDFEIEGYDPHPGIKAPVAI
;
_entity_poly.pdbx_strand_id   A,B
#
loop_
_chem_comp.id
_chem_comp.type
_chem_comp.name
_chem_comp.formula
DGP non-polymer 2'-DEOXYGUANOSINE-5'-MONOPHOSPHATE 'C10 H14 N5 O7 P'
F89 non-polymer 'S)-2-(5(((1,2-DIHYDRO-3-METHYL-1-OXOBENZO(F)QUINAZOLIN-9-YL)METHYL)AMINO)1-OXO-2-ISOINDOLINYL)GLUTARIC ACID' 'C27 H24 N4 O6'
FMT non-polymer 'FORMIC ACID' 'C H2 O2'
#
# COMPACT_ATOMS: atom_id res chain seq x y z
C FMT A 1 5.34 23.37 -4.36
O1 FMT A 1 4.85 23.97 -5.35
O2 FMT A 1 6.61 23.28 -4.17
N MET A 2 4.67 22.78 -3.42
CA MET A 2 3.22 22.65 -3.43
C MET A 2 2.91 22.52 -1.95
N LYS A 3 1.83 22.90 -1.41
CA LYS A 3 1.49 22.77 -0.02
C LYS A 3 1.63 21.39 0.55
N GLN A 4 1.13 20.35 -0.01
CA GLN A 4 1.23 18.99 0.55
C GLN A 4 2.67 18.47 0.78
N TYR A 5 3.51 18.68 -0.20
CA TYR A 5 4.92 18.33 -0.22
C TYR A 5 5.71 19.10 0.84
N LEU A 6 5.50 20.44 0.96
CA LEU A 6 6.12 21.30 1.93
C LEU A 6 5.64 20.89 3.30
N GLU A 7 4.42 20.51 3.55
CA GLU A 7 3.88 20.00 4.80
C GLU A 7 4.46 18.62 5.12
N LEU A 8 4.62 17.72 4.15
CA LEU A 8 5.32 16.49 4.39
C LEU A 8 6.75 16.83 4.85
N MET A 9 7.59 17.58 4.17
CA MET A 9 8.93 17.92 4.61
C MET A 9 8.97 18.37 6.07
N GLN A 10 8.14 19.33 6.46
CA GLN A 10 7.96 19.94 7.77
C GLN A 10 7.60 18.81 8.70
N LYS A 11 6.80 17.84 8.25
CA LYS A 11 6.44 16.78 9.17
C LYS A 11 7.61 15.89 9.48
N VAL A 12 8.53 15.62 8.55
CA VAL A 12 9.63 14.70 8.88
C VAL A 12 10.52 15.43 9.83
N LEU A 13 10.74 16.74 9.53
CA LEU A 13 11.58 17.57 10.42
C LEU A 13 11.08 17.57 11.87
N ASP A 14 9.82 17.65 12.10
CA ASP A 14 9.13 17.73 13.34
C ASP A 14 8.88 16.45 14.08
N GLU A 15 8.62 15.37 13.37
CA GLU A 15 8.36 14.08 14.06
C GLU A 15 9.29 13.01 13.60
N GLY A 16 10.24 13.30 12.78
CA GLY A 16 11.09 12.20 12.30
C GLY A 16 12.05 11.85 13.43
N THR A 17 12.48 10.63 13.38
CA THR A 17 13.40 9.99 14.28
C THR A 17 14.64 9.71 13.44
N GLN A 18 15.80 9.83 13.99
CA GLN A 18 17.08 9.57 13.35
C GLN A 18 17.31 8.11 13.09
N LYS A 19 17.41 7.59 11.89
CA LYS A 19 17.59 6.19 11.51
C LYS A 19 18.91 6.02 10.78
N ASN A 20 19.52 4.87 10.92
CA ASN A 20 20.77 4.48 10.25
C ASN A 20 20.25 3.87 8.91
N ASP A 21 21.10 3.80 7.91
CA ASP A 21 20.53 3.22 6.67
C ASP A 21 21.63 2.47 5.98
N ARG A 22 21.16 1.69 5.00
CA ARG A 22 22.05 0.79 4.21
C ARG A 22 23.25 1.47 3.59
N THR A 23 22.97 2.74 3.18
CA THR A 23 23.91 3.66 2.49
C THR A 23 25.01 4.20 3.40
N GLY A 24 24.81 4.20 4.72
CA GLY A 24 25.61 4.71 5.78
C GLY A 24 25.44 6.21 5.93
N THR A 25 24.51 6.89 5.23
CA THR A 25 24.28 8.32 5.22
C THR A 25 23.52 8.82 6.45
N GLY A 26 22.48 8.21 6.88
CA GLY A 26 21.69 8.60 8.05
C GLY A 26 20.52 9.38 7.44
N THR A 27 19.33 9.11 7.99
CA THR A 27 18.12 9.77 7.51
C THR A 27 17.34 10.24 8.73
N LEU A 28 16.34 10.99 8.51
CA LEU A 28 15.39 11.41 9.52
C LEU A 28 14.12 10.80 8.88
N SER A 29 13.42 9.97 9.58
CA SER A 29 12.26 9.40 8.94
C SER A 29 11.07 9.19 9.79
N ILE A 30 9.95 9.20 9.15
CA ILE A 30 8.63 8.92 9.76
C ILE A 30 8.19 7.66 8.97
N PHE A 31 7.16 6.99 9.50
CA PHE A 31 6.54 5.79 9.01
C PHE A 31 5.04 6.03 8.89
N GLY A 32 4.52 5.98 7.72
CA GLY A 32 3.10 6.12 7.39
C GLY A 32 2.74 7.56 7.19
N HIS A 33 2.39 7.90 5.94
CA HIS A 33 1.91 9.25 5.66
C HIS A 33 0.98 9.13 4.48
N GLN A 34 0.05 10.06 4.29
CA GLN A 34 -0.80 10.03 3.10
C GLN A 34 -1.14 11.46 2.73
N MET A 35 -1.08 11.73 1.44
CA MET A 35 -1.41 13.03 0.90
C MET A 35 -2.19 12.79 -0.41
N ARG A 36 -3.12 13.74 -0.70
CA ARG A 36 -3.99 13.76 -1.85
C ARG A 36 -3.86 14.97 -2.74
N PHE A 37 -3.82 14.88 -4.07
CA PHE A 37 -3.63 15.94 -5.01
C PHE A 37 -4.82 15.74 -5.96
N ASN A 38 -5.75 16.68 -6.00
CA ASN A 38 -6.90 16.64 -6.94
C ASN A 38 -6.32 17.10 -8.26
N LEU A 39 -6.20 16.18 -9.21
CA LEU A 39 -5.56 16.56 -10.49
C LEU A 39 -6.25 17.68 -11.26
N GLN A 40 -7.49 18.03 -10.95
CA GLN A 40 -8.27 19.04 -11.60
C GLN A 40 -7.85 20.44 -11.13
N ASP A 41 -7.06 20.47 -10.05
CA ASP A 41 -6.57 21.76 -9.53
C ASP A 41 -5.31 22.20 -10.29
N GLY A 42 -4.63 21.26 -10.91
CA GLY A 42 -3.40 21.60 -11.64
C GLY A 42 -2.47 20.39 -11.60
N PHE A 43 -1.44 20.54 -12.43
CA PHE A 43 -0.48 19.39 -12.49
C PHE A 43 0.45 19.52 -11.32
N PRO A 44 0.54 18.50 -10.49
CA PRO A 44 1.43 18.56 -9.34
C PRO A 44 2.90 18.47 -9.55
N LEU A 45 3.52 19.43 -10.23
CA LEU A 45 4.98 19.49 -10.43
C LEU A 45 5.45 20.52 -9.39
N VAL A 46 6.37 20.18 -8.47
CA VAL A 46 6.84 21.13 -7.47
C VAL A 46 7.30 22.45 -8.09
N THR A 47 6.91 23.55 -7.42
CA THR A 47 7.34 24.89 -7.91
C THR A 47 8.33 25.57 -6.98
N THR A 48 8.58 25.07 -5.80
CA THR A 48 9.48 25.69 -4.84
C THR A 48 10.89 25.31 -5.13
N LYS A 49 11.15 24.54 -6.16
CA LYS A 49 12.46 24.22 -6.68
C LYS A 49 12.22 23.75 -8.11
N ARG A 50 12.99 23.98 -9.12
CA ARG A 50 12.74 23.52 -10.47
C ARG A 50 12.96 22.03 -10.79
N CYS A 51 11.96 21.38 -11.37
CA CYS A 51 12.04 19.98 -11.75
C CYS A 51 11.96 19.94 -13.26
N HIS A 52 12.51 19.03 -14.02
CA HIS A 52 12.40 18.97 -15.47
C HIS A 52 11.38 17.91 -15.90
N LEU A 53 10.31 18.50 -16.45
CA LEU A 53 9.23 17.60 -16.88
C LEU A 53 9.79 16.60 -17.90
N ARG A 54 10.74 17.00 -18.71
CA ARG A 54 11.22 16.05 -19.74
C ARG A 54 11.76 14.77 -19.14
N SER A 55 12.50 14.92 -18.00
CA SER A 55 13.22 13.68 -17.61
C SER A 55 12.11 12.81 -16.87
N ILE A 56 11.03 13.41 -16.31
CA ILE A 56 9.90 12.65 -15.72
C ILE A 56 9.16 11.91 -16.83
N ILE A 57 8.95 12.41 -18.01
CA ILE A 57 8.22 11.81 -19.11
C ILE A 57 8.94 10.59 -19.60
N HIS A 58 10.23 10.75 -19.84
CA HIS A 58 11.08 9.71 -20.38
C HIS A 58 11.17 8.57 -19.43
N GLU A 59 11.22 8.80 -18.13
CA GLU A 59 11.30 7.65 -17.25
C GLU A 59 10.01 6.90 -17.36
N LEU A 60 8.85 7.55 -17.38
CA LEU A 60 7.55 6.87 -17.51
C LEU A 60 7.34 6.20 -18.86
N LEU A 61 7.78 6.79 -19.95
CA LEU A 61 7.61 6.20 -21.28
C LEU A 61 8.36 4.86 -21.27
N TRP A 62 9.48 4.75 -20.61
CA TRP A 62 10.43 3.71 -20.36
C TRP A 62 9.71 2.64 -19.58
N PHE A 63 9.08 2.90 -18.48
CA PHE A 63 8.33 1.94 -17.68
C PHE A 63 7.24 1.37 -18.59
N LEU A 64 6.51 2.20 -19.30
CA LEU A 64 5.37 1.78 -20.12
C LEU A 64 5.86 0.92 -21.26
N GLN A 65 7.09 0.95 -21.69
CA GLN A 65 7.63 0.11 -22.76
C GLN A 65 8.06 -1.25 -22.20
N GLY A 66 8.21 -1.46 -20.92
CA GLY A 66 8.65 -2.77 -20.35
C GLY A 66 10.18 -2.81 -20.38
N ASP A 67 10.87 -1.66 -20.55
CA ASP A 67 12.35 -1.61 -20.66
C ASP A 67 13.03 -1.57 -19.30
N THR A 68 14.18 -2.23 -19.06
CA THR A 68 14.94 -2.28 -17.85
C THR A 68 16.39 -2.02 -18.14
N ASN A 69 16.71 -1.46 -19.30
CA ASN A 69 18.07 -1.07 -19.77
C ASN A 69 18.06 0.45 -19.86
N ILE A 70 19.14 1.03 -19.40
CA ILE A 70 19.35 2.50 -19.32
C ILE A 70 19.61 3.22 -20.62
N ALA A 71 19.93 2.52 -21.70
CA ALA A 71 20.21 3.10 -23.02
C ALA A 71 19.17 4.15 -23.38
N TYR A 72 17.90 3.88 -23.39
CA TYR A 72 16.89 4.84 -23.75
C TYR A 72 16.98 6.00 -22.77
N LEU A 73 17.21 5.67 -21.54
CA LEU A 73 17.29 6.79 -20.54
C LEU A 73 18.45 7.70 -20.88
N HIS A 74 19.60 7.19 -21.26
CA HIS A 74 20.80 7.87 -21.68
C HIS A 74 20.60 8.72 -22.95
N GLU A 75 20.08 8.21 -24.05
CA GLU A 75 19.84 8.90 -25.29
C GLU A 75 19.01 10.18 -25.02
N ASN A 76 18.30 10.25 -23.88
CA ASN A 76 17.43 11.34 -23.44
C ASN A 76 17.81 12.11 -22.18
N ASN A 77 19.00 11.91 -21.66
CA ASN A 77 19.61 12.51 -20.52
C ASN A 77 19.08 12.28 -19.11
N VAL A 78 18.70 11.01 -18.92
CA VAL A 78 18.23 10.57 -17.58
C VAL A 78 19.41 9.75 -17.10
N THR A 79 20.05 10.21 -16.08
CA THR A 79 21.21 9.57 -15.54
C THR A 79 20.99 9.07 -14.12
N ILE A 80 19.82 9.27 -13.56
CA ILE A 80 19.63 8.76 -12.19
C ILE A 80 19.86 7.26 -11.90
N TRP A 81 19.55 6.48 -12.95
CA TRP A 81 19.64 5.05 -12.86
C TRP A 81 21.01 4.56 -13.20
N ASP A 82 21.88 5.38 -13.78
CA ASP A 82 23.21 4.91 -14.16
C ASP A 82 24.01 4.02 -13.21
N GLU A 83 24.10 4.41 -11.97
CA GLU A 83 24.83 3.74 -10.92
C GLU A 83 24.27 2.38 -10.54
N TRP A 84 22.99 2.16 -10.80
CA TRP A 84 22.32 0.93 -10.42
C TRP A 84 22.58 -0.19 -11.44
N ALA A 85 22.87 0.24 -12.66
CA ALA A 85 23.10 -0.54 -13.86
C ALA A 85 24.46 -1.21 -13.93
N ASP A 86 24.32 -2.39 -14.47
CA ASP A 86 25.42 -3.31 -14.76
C ASP A 86 26.15 -2.64 -15.92
N GLU A 87 27.15 -3.33 -16.43
CA GLU A 87 28.13 -3.05 -17.48
C GLU A 87 27.51 -3.03 -18.87
N ASN A 88 26.40 -3.73 -19.00
CA ASN A 88 25.49 -3.82 -20.13
C ASN A 88 24.36 -2.78 -20.11
N GLY A 89 24.18 -2.10 -18.99
CA GLY A 89 23.15 -1.08 -18.75
C GLY A 89 21.91 -1.77 -18.20
N ASP A 90 21.98 -3.01 -17.75
CA ASP A 90 20.84 -3.73 -17.24
C ASP A 90 20.59 -3.51 -15.76
N LEU A 91 19.36 -3.28 -15.44
CA LEU A 91 18.86 -3.07 -14.11
C LEU A 91 18.20 -4.34 -13.59
N GLY A 92 17.90 -5.36 -14.32
CA GLY A 92 17.23 -6.55 -13.92
C GLY A 92 15.75 -6.17 -14.07
N PRO A 93 14.88 -7.07 -13.62
CA PRO A 93 13.46 -6.90 -13.83
C PRO A 93 12.77 -5.89 -12.94
N VAL A 94 13.28 -4.68 -13.02
CA VAL A 94 12.66 -3.60 -12.19
C VAL A 94 11.31 -3.31 -12.80
N TYR A 95 10.69 -2.23 -12.33
CA TYR A 95 9.36 -1.77 -12.71
C TYR A 95 8.70 -2.13 -14.01
N GLY A 96 9.33 -1.69 -15.09
CA GLY A 96 8.76 -1.88 -16.45
C GLY A 96 8.54 -3.33 -16.79
N LYS A 97 9.45 -4.18 -16.43
CA LYS A 97 9.20 -5.66 -16.76
C LYS A 97 8.06 -6.19 -15.92
N GLN A 98 7.94 -5.80 -14.67
CA GLN A 98 6.91 -6.24 -13.75
C GLN A 98 5.56 -5.76 -14.23
N TRP A 99 5.59 -4.53 -14.71
CA TRP A 99 4.40 -3.85 -15.24
C TRP A 99 3.89 -4.57 -16.51
N ARG A 100 4.71 -4.84 -17.49
CA ARG A 100 4.33 -5.42 -18.76
C ARG A 100 4.42 -6.90 -18.83
N ALA A 101 5.08 -7.54 -17.95
CA ALA A 101 5.24 -8.98 -18.00
C ALA A 101 5.69 -9.65 -16.71
N TRP A 102 4.77 -9.61 -15.75
CA TRP A 102 5.18 -10.34 -14.49
C TRP A 102 5.16 -11.82 -14.84
N PRO A 103 6.20 -12.55 -14.59
CA PRO A 103 6.26 -14.01 -14.82
C PRO A 103 5.53 -14.85 -13.79
N THR A 104 4.64 -15.71 -14.23
CA THR A 104 3.84 -16.56 -13.35
C THR A 104 4.58 -17.84 -13.20
N PRO A 105 4.18 -18.68 -12.25
CA PRO A 105 4.77 -20.04 -12.04
C PRO A 105 4.63 -21.00 -13.20
N ASP A 106 3.62 -20.97 -14.00
CA ASP A 106 3.28 -21.77 -15.14
C ASP A 106 3.57 -21.24 -16.54
N GLY A 107 4.44 -20.41 -16.71
CA GLY A 107 5.15 -20.01 -17.93
C GLY A 107 4.36 -18.98 -18.68
N ARG A 108 3.54 -18.26 -17.96
CA ARG A 108 2.76 -17.16 -18.53
C ARG A 108 3.38 -15.86 -18.04
N HIS A 109 2.96 -14.78 -18.65
CA HIS A 109 3.50 -13.43 -18.30
C HIS A 109 2.31 -12.48 -18.31
N ILE A 110 2.01 -11.84 -17.28
CA ILE A 110 0.79 -11.02 -17.33
C ILE A 110 1.14 -9.55 -17.55
N ASP A 111 0.49 -8.87 -18.43
CA ASP A 111 0.71 -7.44 -18.69
C ASP A 111 -0.36 -6.72 -17.85
N GLN A 112 0.07 -6.14 -16.76
CA GLN A 112 -0.83 -5.46 -15.79
C GLN A 112 -1.31 -4.16 -16.30
N ILE A 113 -0.65 -3.50 -17.19
CA ILE A 113 -1.08 -2.18 -17.72
C ILE A 113 -2.30 -2.43 -18.57
N THR A 114 -2.25 -3.41 -19.45
CA THR A 114 -3.34 -3.71 -20.37
C THR A 114 -4.50 -4.27 -19.63
N THR A 115 -4.28 -5.03 -18.61
CA THR A 115 -5.33 -5.55 -17.74
C THR A 115 -6.02 -4.41 -17.09
N VAL A 116 -5.35 -3.47 -16.47
CA VAL A 116 -5.98 -2.29 -15.82
C VAL A 116 -6.75 -1.50 -16.79
N LEU A 117 -6.31 -1.25 -17.98
CA LEU A 117 -6.97 -0.54 -19.03
C LEU A 117 -8.26 -1.32 -19.35
N ASN A 118 -8.18 -2.60 -19.56
CA ASN A 118 -9.39 -3.42 -19.82
C ASN A 118 -10.37 -3.39 -18.65
N GLN A 119 -9.92 -3.42 -17.41
CA GLN A 119 -10.76 -3.28 -16.22
C GLN A 119 -11.37 -1.89 -16.21
N LEU A 120 -10.72 -0.80 -16.57
CA LEU A 120 -11.22 0.57 -16.56
C LEU A 120 -12.39 0.76 -17.51
N LYS A 121 -12.32 0.15 -18.67
CA LYS A 121 -13.33 0.24 -19.74
C LYS A 121 -14.52 -0.67 -19.48
N ASN A 122 -14.34 -1.89 -19.03
CA ASN A 122 -15.37 -2.85 -18.73
C ASN A 122 -15.95 -3.11 -17.37
N ASP A 123 -15.24 -2.75 -16.35
CA ASP A 123 -15.69 -2.98 -14.93
C ASP A 123 -14.96 -1.92 -14.05
N PRO A 124 -15.34 -0.66 -14.24
CA PRO A 124 -14.68 0.42 -13.50
C PRO A 124 -14.95 0.36 -12.01
N ASP A 125 -16.01 -0.27 -11.57
CA ASP A 125 -16.42 -0.38 -10.17
C ASP A 125 -15.61 -1.44 -9.46
N SER A 126 -14.76 -2.16 -10.18
CA SER A 126 -13.92 -3.22 -9.58
C SER A 126 -13.01 -2.71 -8.47
N ARG A 127 -12.86 -3.45 -7.42
CA ARG A 127 -12.07 -3.20 -6.25
C ARG A 127 -10.68 -3.83 -6.37
N ARG A 128 -10.32 -4.35 -7.53
CA ARG A 128 -9.05 -4.99 -7.79
C ARG A 128 -8.29 -4.60 -9.01
N ILE A 129 -8.28 -3.30 -9.29
CA ILE A 129 -7.58 -2.68 -10.44
C ILE A 129 -6.26 -2.18 -9.82
N ILE A 130 -5.36 -3.12 -9.74
CA ILE A 130 -4.03 -2.97 -9.15
C ILE A 130 -2.82 -3.36 -10.02
N VAL A 131 -1.72 -2.66 -9.96
CA VAL A 131 -0.51 -2.99 -10.70
C VAL A 131 0.46 -3.07 -9.50
N SER A 132 1.22 -4.12 -9.33
CA SER A 132 2.21 -4.33 -8.31
C SER A 132 3.56 -4.51 -9.03
N ALA A 133 4.59 -3.92 -8.52
CA ALA A 133 5.91 -4.06 -9.03
C ALA A 133 6.63 -5.00 -8.05
N TRP A 134 6.08 -5.38 -6.93
CA TRP A 134 6.68 -6.19 -5.86
C TRP A 134 6.67 -7.67 -6.14
N ASN A 135 7.52 -8.16 -7.04
CA ASN A 135 7.55 -9.66 -7.34
C ASN A 135 8.63 -10.23 -6.43
N VAL A 136 8.17 -10.78 -5.35
CA VAL A 136 8.95 -11.41 -4.27
C VAL A 136 9.93 -12.39 -4.89
N GLY A 137 9.46 -13.10 -5.90
CA GLY A 137 10.12 -14.17 -6.64
C GLY A 137 11.32 -13.65 -7.45
N GLU A 138 11.38 -12.35 -7.78
CA GLU A 138 12.54 -11.85 -8.56
C GLU A 138 13.30 -10.71 -7.97
N LEU A 139 13.02 -10.39 -6.76
CA LEU A 139 13.59 -9.29 -6.01
C LEU A 139 15.12 -9.40 -6.01
N ASP A 140 15.58 -10.63 -5.96
CA ASP A 140 17.02 -11.00 -5.89
C ASP A 140 17.73 -10.73 -7.19
N LYS A 141 17.00 -10.52 -8.25
CA LYS A 141 17.46 -10.23 -9.60
C LYS A 141 17.42 -8.78 -9.94
N MET A 142 16.81 -7.87 -9.24
CA MET A 142 16.58 -6.46 -9.34
C MET A 142 17.68 -5.58 -8.84
N ALA A 143 18.18 -4.60 -9.58
CA ALA A 143 19.28 -3.74 -9.16
C ALA A 143 18.85 -3.01 -7.87
N LEU A 144 17.57 -2.67 -7.79
CA LEU A 144 16.95 -1.99 -6.63
C LEU A 144 15.54 -2.57 -6.49
N ALA A 145 15.08 -2.95 -5.31
CA ALA A 145 13.68 -3.47 -5.06
C ALA A 145 12.77 -2.26 -5.28
N PRO A 146 11.67 -2.37 -5.96
CA PRO A 146 10.75 -1.29 -6.22
C PRO A 146 10.47 -0.34 -5.10
N CYS A 147 10.56 1.02 -5.24
CA CYS A 147 10.23 1.92 -4.15
C CYS A 147 8.75 2.26 -4.24
N HIS A 148 8.30 2.61 -5.41
CA HIS A 148 6.87 2.91 -5.76
C HIS A 148 6.40 1.53 -6.19
N ALA A 149 5.93 0.78 -5.20
CA ALA A 149 5.62 -0.62 -5.35
C ALA A 149 4.29 -1.15 -5.74
N PHE A 150 3.18 -0.50 -5.55
CA PHE A 150 1.84 -1.08 -5.71
C PHE A 150 0.90 0.07 -5.96
N PHE A 151 0.03 0.08 -6.92
CA PHE A 151 -0.89 1.25 -7.02
C PHE A 151 -2.31 0.73 -7.33
N GLN A 152 -3.35 1.50 -6.98
CA GLN A 152 -4.69 0.97 -7.28
C GLN A 152 -5.56 2.02 -7.96
N PHE A 153 -6.41 1.77 -8.95
CA PHE A 153 -7.22 2.74 -9.62
C PHE A 153 -8.64 2.55 -9.01
N TYR A 154 -9.34 3.65 -9.24
CA TYR A 154 -10.69 3.81 -8.71
C TYR A 154 -11.46 4.80 -9.57
N VAL A 155 -12.71 4.51 -9.88
CA VAL A 155 -13.51 5.44 -10.68
C VAL A 155 -14.75 5.81 -9.85
N ALA A 156 -15.15 7.06 -9.85
CA ALA A 156 -16.36 7.45 -9.08
C ALA A 156 -16.86 8.67 -9.76
N ASP A 157 -18.06 8.83 -10.18
CA ASP A 157 -18.47 10.09 -10.84
C ASP A 157 -17.68 10.39 -12.11
N GLY A 158 -17.30 9.39 -12.88
CA GLY A 158 -16.57 9.58 -14.15
C GLY A 158 -15.15 10.07 -13.99
N LYS A 159 -14.53 10.03 -12.83
CA LYS A 159 -13.19 10.56 -12.60
C LYS A 159 -12.35 9.35 -12.20
N LEU A 160 -11.15 9.33 -12.70
CA LEU A 160 -10.17 8.32 -12.37
C LEU A 160 -9.26 8.80 -11.25
N SER A 161 -9.11 8.12 -10.14
CA SER A 161 -8.28 8.32 -9.01
C SER A 161 -7.27 7.14 -8.99
N CYS A 162 -6.16 7.32 -8.34
CA CYS A 162 -5.10 6.37 -8.21
C CYS A 162 -4.46 6.47 -6.83
N GLN A 163 -4.14 5.36 -6.22
CA GLN A 163 -3.43 5.46 -4.92
C GLN A 163 -2.14 4.73 -5.04
N LEU A 164 -0.99 5.26 -4.70
CA LEU A 164 0.26 4.55 -4.78
C LEU A 164 0.78 4.34 -3.32
N TYR A 165 1.36 3.26 -3.01
CA TYR A 165 1.96 2.84 -1.78
C TYR A 165 3.47 2.79 -2.13
N GLN A 166 4.20 3.66 -1.50
CA GLN A 166 5.64 3.77 -1.68
C GLN A 166 6.36 3.25 -0.47
N ARG A 167 7.04 2.16 -0.54
CA ARG A 167 7.68 1.63 0.64
C ARG A 167 8.85 2.44 1.18
N SER A 168 9.59 3.20 0.38
CA SER A 168 10.79 3.94 0.80
C SER A 168 10.84 5.22 -0.05
N CYS A 169 11.01 6.34 0.59
CA CYS A 169 10.93 7.62 -0.13
C CYS A 169 11.95 8.60 0.34
N ASP A 170 12.82 8.99 -0.56
CA ASP A 170 13.86 10.03 -0.32
C ASP A 170 13.02 11.25 -0.61
N VAL A 171 12.51 12.01 0.31
CA VAL A 171 11.62 13.13 0.16
C VAL A 171 12.16 14.28 -0.66
N PHE A 172 13.40 14.58 -0.46
CA PHE A 172 14.02 15.71 -1.18
C PHE A 172 14.24 15.47 -2.63
N LEU A 173 14.93 14.44 -2.98
CA LEU A 173 15.34 14.13 -4.36
C LEU A 173 14.25 13.51 -5.17
N GLY A 174 13.81 12.33 -4.81
CA GLY A 174 12.81 11.62 -5.57
C GLY A 174 11.35 11.91 -5.61
N LEU A 175 10.68 12.30 -4.52
CA LEU A 175 9.29 12.54 -4.45
C LEU A 175 8.69 13.48 -5.50
N PRO A 176 9.25 14.61 -5.79
CA PRO A 176 8.68 15.51 -6.79
C PRO A 176 8.52 14.73 -8.06
N PHE A 177 9.48 13.88 -8.34
CA PHE A 177 9.53 13.04 -9.54
C PHE A 177 8.40 11.98 -9.55
N ASN A 178 8.22 11.18 -8.51
CA ASN A 178 7.16 10.21 -8.42
C ASN A 178 5.80 10.81 -8.41
N ILE A 179 5.59 11.98 -7.88
CA ILE A 179 4.31 12.65 -7.82
C ILE A 179 3.82 13.05 -9.20
N ALA A 180 4.61 13.65 -10.06
CA ALA A 180 4.43 14.14 -11.36
C ALA A 180 4.24 13.00 -12.34
N SER A 181 5.00 11.98 -12.17
CA SER A 181 4.98 10.71 -12.98
C SER A 181 3.67 9.95 -12.91
N TYR A 182 3.14 9.69 -11.76
CA TYR A 182 1.86 9.07 -11.43
C TYR A 182 0.76 10.03 -11.79
N ALA A 183 0.83 11.33 -11.71
CA ALA A 183 -0.22 12.23 -12.13
C ALA A 183 -0.27 12.21 -13.66
N LEU A 184 0.82 11.99 -14.38
CA LEU A 184 0.85 11.85 -15.82
C LEU A 184 0.26 10.51 -16.26
N LEU A 185 0.55 9.42 -15.62
CA LEU A 185 -0.02 8.12 -15.85
C LEU A 185 -1.52 8.27 -15.70
N VAL A 186 -1.98 8.94 -14.65
CA VAL A 186 -3.45 9.15 -14.48
C VAL A 186 -4.06 9.85 -15.66
N HIS A 187 -3.60 10.94 -16.17
CA HIS A 187 -3.98 11.74 -17.28
C HIS A 187 -4.00 10.86 -18.52
N MET A 188 -3.04 10.00 -18.76
CA MET A 188 -2.94 9.08 -19.88
C MET A 188 -4.01 7.97 -19.81
N MET A 189 -4.26 7.38 -18.65
CA MET A 189 -5.25 6.30 -18.47
C MET A 189 -6.58 6.98 -18.66
N ALA A 190 -6.87 8.08 -18.09
CA ALA A 190 -8.11 8.84 -18.14
C ALA A 190 -8.41 9.23 -19.57
N GLN A 191 -7.47 9.54 -20.40
CA GLN A 191 -7.60 9.89 -21.81
C GLN A 191 -7.94 8.67 -22.66
N GLN A 192 -7.37 7.52 -22.34
CA GLN A 192 -7.64 6.30 -23.10
C GLN A 192 -9.02 5.67 -22.88
N CYS A 193 -9.52 5.84 -21.68
CA CYS A 193 -10.71 5.28 -21.14
C CYS A 193 -11.89 6.24 -21.15
N ASP A 194 -11.68 7.43 -21.57
CA ASP A 194 -12.63 8.56 -21.64
C ASP A 194 -13.14 9.09 -20.30
N LEU A 195 -12.27 9.15 -19.30
CA LEU A 195 -12.63 9.55 -17.92
C LEU A 195 -12.04 10.92 -17.77
N GLU A 196 -12.35 11.56 -16.67
CA GLU A 196 -11.79 12.89 -16.27
C GLU A 196 -10.81 12.51 -15.11
N VAL A 197 -9.83 13.36 -14.82
CA VAL A 197 -8.82 13.08 -13.77
C VAL A 197 -9.49 13.36 -12.45
N GLY A 198 -9.23 12.50 -11.45
CA GLY A 198 -9.76 12.59 -10.12
C GLY A 198 -8.59 12.92 -9.20
N ASP A 199 -8.40 12.14 -8.17
CA ASP A 199 -7.27 12.42 -7.29
C ASP A 199 -6.08 11.50 -7.42
N PHE A 200 -4.91 11.90 -7.12
CA PHE A 200 -3.73 11.01 -6.99
C PHE A 200 -3.53 10.90 -5.48
N VAL A 201 -3.56 9.83 -4.77
CA VAL A 201 -3.31 9.68 -3.35
C VAL A 201 -1.98 9.04 -3.17
N TRP A 202 -1.09 9.70 -2.44
CA TRP A 202 0.24 9.10 -2.21
C TRP A 202 0.30 8.54 -0.82
N THR A 203 0.75 7.36 -0.56
CA THR A 203 0.90 6.77 0.76
C THR A 203 2.36 6.30 0.85
N GLY A 204 2.98 6.67 1.95
CA GLY A 204 4.39 6.29 2.19
C GLY A 204 4.60 5.38 3.37
N GLY A 205 5.61 4.58 3.24
CA GLY A 205 6.16 3.67 4.23
C GLY A 205 7.25 4.51 4.93
N ASP A 206 8.50 4.19 4.80
CA ASP A 206 9.60 4.91 5.45
C ASP A 206 9.77 6.16 4.64
N THR A 207 9.37 7.30 5.14
CA THR A 207 9.45 8.58 4.36
C THR A 207 10.61 9.37 4.97
N HIS A 208 11.65 9.65 4.17
CA HIS A 208 12.79 10.27 4.89
C HIS A 208 13.52 11.37 4.19
N LEU A 209 14.29 12.05 4.95
CA LEU A 209 15.16 13.15 4.52
C LEU A 209 16.56 12.59 4.87
N TYR A 210 17.49 12.59 3.94
CA TYR A 210 18.83 12.13 4.22
C TYR A 210 19.43 13.27 5.04
N SER A 211 20.28 12.95 5.98
CA SER A 211 20.98 13.85 6.91
C SER A 211 21.64 15.09 6.33
N ASN A 212 22.09 14.87 5.12
CA ASN A 212 22.75 15.76 4.18
C ASN A 212 21.83 16.52 3.19
N HIS A 213 20.57 16.63 3.56
CA HIS A 213 19.62 17.35 2.71
C HIS A 213 18.95 18.42 3.61
N MET A 214 19.38 18.54 4.86
CA MET A 214 18.78 19.43 5.86
C MET A 214 18.91 20.85 5.41
N ASP A 215 20.06 21.32 4.97
CA ASP A 215 20.15 22.74 4.57
C ASP A 215 19.32 22.97 3.34
N GLN A 216 19.33 22.09 2.36
CA GLN A 216 18.56 22.28 1.12
C GLN A 216 17.08 22.31 1.40
N THR A 217 16.68 21.44 2.28
CA THR A 217 15.31 21.27 2.75
C THR A 217 14.85 22.62 3.33
N HIS A 218 15.55 23.17 4.28
CA HIS A 218 15.22 24.43 4.92
C HIS A 218 15.17 25.66 4.03
N LEU A 219 16.03 25.68 3.06
CA LEU A 219 16.09 26.69 1.99
C LEU A 219 14.80 26.55 1.17
N GLN A 220 14.44 25.35 0.71
CA GLN A 220 13.23 25.11 -0.06
C GLN A 220 11.99 25.54 0.66
N LEU A 221 11.98 25.22 1.90
CA LEU A 221 10.85 25.50 2.84
C LEU A 221 10.72 26.98 3.07
N SER A 222 11.64 27.83 2.74
CA SER A 222 11.51 29.28 2.98
C SER A 222 10.86 29.98 1.76
N ARG A 223 10.51 29.11 0.82
CA ARG A 223 9.92 29.56 -0.44
C ARG A 223 8.42 29.38 -0.41
N GLU A 224 7.82 30.29 -1.16
CA GLU A 224 6.33 30.23 -1.30
C GLU A 224 5.97 29.58 -2.61
N PRO A 225 5.13 28.53 -2.55
CA PRO A 225 4.65 27.79 -3.71
C PRO A 225 4.02 28.76 -4.70
N ARG A 226 4.13 28.39 -5.95
CA ARG A 226 3.47 29.21 -7.01
C ARG A 226 2.24 28.42 -7.47
N PRO A 227 1.39 29.09 -8.29
CA PRO A 227 0.21 28.42 -8.87
C PRO A 227 0.71 27.17 -9.61
N LEU A 228 0.02 26.10 -9.60
CA LEU A 228 0.33 24.83 -10.25
C LEU A 228 0.22 24.95 -11.77
N PRO A 229 1.15 24.33 -12.46
CA PRO A 229 1.12 24.30 -13.94
C PRO A 229 -0.12 23.57 -14.41
N LYS A 230 -0.34 23.57 -15.74
CA LYS A 230 -1.48 22.93 -16.38
C LYS A 230 -0.95 21.98 -17.43
N LEU A 231 -1.53 20.79 -17.53
CA LEU A 231 -1.03 19.86 -18.50
C LEU A 231 -1.94 19.79 -19.73
N ILE A 232 -1.33 19.91 -20.90
CA ILE A 232 -2.10 19.76 -22.15
C ILE A 232 -1.58 18.57 -23.01
N ILE A 233 -2.49 17.68 -23.35
CA ILE A 233 -2.06 16.52 -24.23
C ILE A 233 -2.63 16.96 -25.58
N LYS A 234 -1.91 17.12 -26.62
CA LYS A 234 -2.20 17.59 -27.96
C LYS A 234 -2.64 16.56 -28.97
N ARG A 235 -2.87 15.32 -28.51
CA ARG A 235 -3.29 14.20 -29.33
C ARG A 235 -3.80 13.08 -28.43
N LYS A 236 -4.63 12.23 -29.00
CA LYS A 236 -5.14 10.96 -28.48
C LYS A 236 -4.61 9.72 -29.27
N PRO A 237 -3.48 9.15 -28.86
CA PRO A 237 -2.86 8.02 -29.49
C PRO A 237 -3.77 6.77 -29.46
N GLU A 238 -3.52 5.78 -30.27
CA GLU A 238 -4.43 4.61 -30.30
C GLU A 238 -4.19 3.75 -29.08
N SER A 239 -3.14 3.93 -28.28
CA SER A 239 -2.94 3.14 -27.07
C SER A 239 -2.10 3.95 -26.12
N ILE A 240 -2.06 3.56 -24.88
CA ILE A 240 -1.30 4.09 -23.74
C ILE A 240 0.15 3.91 -24.07
N PHE A 241 0.45 2.92 -24.93
CA PHE A 241 1.80 2.61 -25.33
C PHE A 241 2.26 3.54 -26.42
N ASP A 242 1.41 4.40 -26.90
CA ASP A 242 1.73 5.25 -28.05
C ASP A 242 2.03 6.72 -27.84
N TYR A 243 2.09 7.21 -26.64
CA TYR A 243 2.41 8.62 -26.38
C TYR A 243 3.84 8.85 -26.80
N ARG A 244 4.16 10.06 -27.18
CA ARG A 244 5.48 10.49 -27.56
C ARG A 244 5.69 11.66 -26.60
N PHE A 245 6.97 11.92 -26.37
CA PHE A 245 7.38 13.05 -25.51
C PHE A 245 6.66 14.29 -26.09
N GLU A 246 6.53 14.49 -27.41
CA GLU A 246 5.95 15.70 -27.96
C GLU A 246 4.49 15.91 -27.78
N ASP A 247 3.78 14.95 -27.33
CA ASP A 247 2.31 15.07 -27.15
C ASP A 247 1.90 15.83 -25.94
N PHE A 248 2.82 16.13 -25.04
CA PHE A 248 2.51 16.81 -23.79
C PHE A 248 3.09 18.22 -23.69
N GLU A 249 2.33 19.13 -23.20
CA GLU A 249 2.84 20.49 -22.99
C GLU A 249 2.44 20.86 -21.56
N ILE A 250 3.36 21.53 -20.89
CA ILE A 250 3.15 22.05 -19.53
C ILE A 250 3.05 23.55 -19.71
N GLU A 251 1.98 24.15 -19.21
CA GLU A 251 1.77 25.58 -19.33
C GLU A 251 1.84 26.21 -17.96
N GLY A 252 2.32 27.44 -17.88
CA GLY A 252 2.36 28.19 -16.64
C GLY A 252 3.27 27.73 -15.56
N TYR A 253 4.39 27.09 -15.91
CA TYR A 253 5.36 26.61 -14.89
C TYR A 253 6.43 27.69 -14.72
N ASP A 254 6.45 28.31 -13.54
CA ASP A 254 7.38 29.37 -13.19
C ASP A 254 7.96 28.95 -11.85
N PRO A 255 8.87 28.02 -11.79
CA PRO A 255 9.38 27.57 -10.48
C PRO A 255 10.53 28.42 -9.91
N HIS A 256 10.75 28.25 -8.62
CA HIS A 256 11.90 28.94 -7.96
C HIS A 256 13.11 28.22 -8.54
N PRO A 257 14.30 28.70 -8.24
CA PRO A 257 15.48 28.03 -8.82
C PRO A 257 15.67 26.64 -8.21
N GLY A 258 16.35 25.76 -8.92
CA GLY A 258 16.68 24.45 -8.41
C GLY A 258 17.69 24.70 -7.28
N ILE A 259 17.85 23.64 -6.49
CA ILE A 259 18.72 23.39 -5.35
C ILE A 259 19.36 22.01 -5.55
N LYS A 260 20.70 21.87 -5.52
CA LYS A 260 21.14 20.51 -5.67
C LYS A 260 21.48 19.86 -4.33
N ALA A 261 21.33 18.52 -4.38
CA ALA A 261 21.63 17.74 -3.19
C ALA A 261 22.23 16.45 -3.76
N PRO A 262 23.09 15.89 -2.93
CA PRO A 262 23.75 14.59 -3.23
C PRO A 262 22.82 13.40 -3.05
N VAL A 263 23.03 12.45 -3.95
CA VAL A 263 22.28 11.18 -4.03
C VAL A 263 23.01 10.24 -3.05
N ALA A 264 22.30 9.51 -2.20
CA ALA A 264 22.91 8.49 -1.35
C ALA A 264 22.79 7.18 -2.18
N ILE A 265 23.90 6.46 -2.24
CA ILE A 265 24.10 5.17 -2.93
C ILE A 265 24.34 4.00 -1.93
C FMT B 1 -14.58 1.27 19.23
O1 FMT B 1 -14.12 1.12 20.41
O2 FMT B 1 -15.49 0.46 18.77
N MET B 2 -14.05 2.12 18.34
CA MET B 2 -12.85 2.87 18.78
C MET B 2 -12.91 4.17 18.08
N LYS B 3 -12.44 5.27 18.58
CA LYS B 3 -12.50 6.62 18.01
C LYS B 3 -12.22 6.67 16.53
N GLN B 4 -11.12 6.15 16.05
CA GLN B 4 -10.62 6.13 14.66
C GLN B 4 -11.60 5.41 13.75
N TYR B 5 -12.09 4.27 14.23
CA TYR B 5 -13.04 3.43 13.52
C TYR B 5 -14.36 4.06 13.18
N LEU B 6 -15.03 4.65 14.18
CA LEU B 6 -16.29 5.37 14.22
C LEU B 6 -16.24 6.59 13.34
N GLU B 7 -15.09 7.24 13.32
CA GLU B 7 -14.89 8.42 12.46
C GLU B 7 -14.78 8.03 10.98
N LEU B 8 -14.27 6.88 10.71
CA LEU B 8 -14.16 6.34 9.34
C LEU B 8 -15.57 5.93 8.94
N MET B 9 -16.28 5.26 9.82
CA MET B 9 -17.70 4.88 9.51
C MET B 9 -18.55 6.09 9.13
N GLN B 10 -18.45 7.19 9.86
CA GLN B 10 -19.21 8.42 9.64
C GLN B 10 -18.83 9.11 8.33
N LYS B 11 -17.56 9.14 8.09
CA LYS B 11 -16.85 9.60 6.91
C LYS B 11 -17.42 8.74 5.76
N VAL B 12 -17.62 7.43 5.86
CA VAL B 12 -18.20 6.77 4.69
C VAL B 12 -19.64 7.19 4.34
N LEU B 13 -20.39 7.43 5.44
CA LEU B 13 -21.84 7.86 5.41
C LEU B 13 -21.99 9.23 4.76
N ASP B 14 -21.22 10.18 5.20
CA ASP B 14 -21.08 11.54 4.77
C ASP B 14 -20.53 11.79 3.39
N GLU B 15 -19.50 11.08 2.92
CA GLU B 15 -18.93 11.33 1.60
C GLU B 15 -18.90 10.19 0.62
N GLY B 16 -19.17 8.99 1.08
CA GLY B 16 -19.22 7.77 0.30
C GLY B 16 -20.05 7.99 -0.96
N THR B 17 -19.58 7.42 -2.03
CA THR B 17 -20.23 7.53 -3.34
C THR B 17 -21.07 6.29 -3.48
N GLN B 18 -22.27 6.26 -3.99
CA GLN B 18 -23.11 5.07 -4.19
C GLN B 18 -22.59 4.20 -5.34
N LYS B 19 -22.13 2.95 -5.15
CA LYS B 19 -21.61 2.14 -6.23
C LYS B 19 -22.47 0.90 -6.28
N ASN B 20 -22.51 0.30 -7.42
CA ASN B 20 -23.24 -0.97 -7.65
C ASN B 20 -22.04 -1.90 -7.53
N ASP B 21 -21.98 -2.90 -6.74
CA ASP B 21 -20.80 -3.77 -6.66
C ASP B 21 -21.18 -5.12 -7.31
N ARG B 22 -20.16 -5.96 -7.34
CA ARG B 22 -20.21 -7.31 -7.88
C ARG B 22 -21.41 -8.18 -7.51
N THR B 23 -21.76 -8.16 -6.25
CA THR B 23 -22.76 -8.84 -5.48
C THR B 23 -24.11 -8.21 -5.77
N GLY B 24 -24.07 -7.05 -6.44
CA GLY B 24 -25.29 -6.33 -6.80
C GLY B 24 -26.13 -5.82 -5.66
N THR B 25 -25.45 -5.56 -4.53
CA THR B 25 -26.06 -5.09 -3.27
C THR B 25 -25.93 -3.56 -3.15
N GLY B 26 -24.92 -3.02 -3.79
CA GLY B 26 -24.69 -1.58 -3.65
C GLY B 26 -23.92 -1.32 -2.36
N THR B 27 -23.01 -0.37 -2.42
CA THR B 27 -22.14 0.10 -1.32
C THR B 27 -22.06 1.58 -1.23
N LEU B 28 -21.57 2.11 -0.14
CA LEU B 28 -21.29 3.53 0.07
C LEU B 28 -19.71 3.39 0.18
N SER B 29 -19.06 4.09 -0.70
CA SER B 29 -17.61 4.03 -0.79
C SER B 29 -16.84 5.30 -0.99
N ILE B 30 -15.64 5.26 -0.33
CA ILE B 30 -14.60 6.33 -0.40
C ILE B 30 -13.31 5.62 -0.85
N PHE B 31 -12.37 6.40 -1.37
CA PHE B 31 -11.10 5.86 -1.83
C PHE B 31 -9.94 6.59 -1.14
N GLY B 32 -9.05 5.82 -0.57
CA GLY B 32 -7.87 6.30 0.16
C GLY B 32 -8.23 6.89 1.51
N HIS B 33 -7.87 6.16 2.54
CA HIS B 33 -8.08 6.56 3.93
C HIS B 33 -6.92 5.99 4.71
N GLN B 34 -6.43 6.55 5.76
CA GLN B 34 -5.41 5.97 6.61
C GLN B 34 -5.71 6.17 8.10
N MET B 35 -5.47 5.19 8.94
CA MET B 35 -5.70 5.51 10.38
C MET B 35 -4.54 4.93 11.12
N ARG B 36 -4.24 5.40 12.29
CA ARG B 36 -3.09 4.96 13.06
C ARG B 36 -3.49 4.59 14.45
N PHE B 37 -2.91 3.49 14.91
CA PHE B 37 -3.14 2.90 16.22
C PHE B 37 -1.84 2.82 16.97
N ASN B 38 -1.76 3.51 18.06
CA ASN B 38 -0.55 3.43 18.93
C ASN B 38 -0.70 2.18 19.78
N LEU B 39 0.03 1.12 19.61
CA LEU B 39 -0.30 -0.12 20.33
C LEU B 39 0.03 -0.09 21.81
N GLN B 40 0.73 0.97 22.20
CA GLN B 40 1.16 1.25 23.57
C GLN B 40 -0.05 1.69 24.39
N ASP B 41 -1.12 2.19 23.79
CA ASP B 41 -2.38 2.66 24.30
C ASP B 41 -3.37 1.51 24.49
N GLY B 42 -3.15 0.29 24.06
CA GLY B 42 -4.10 -0.77 24.26
C GLY B 42 -4.40 -1.45 22.93
N PHE B 43 -4.98 -2.64 23.10
CA PHE B 43 -5.29 -3.51 21.96
C PHE B 43 -6.37 -2.93 21.14
N PRO B 44 -6.22 -2.70 19.85
CA PRO B 44 -7.27 -2.05 19.04
C PRO B 44 -8.41 -3.01 18.68
N LEU B 45 -9.10 -3.42 19.71
CA LEU B 45 -10.29 -4.28 19.58
C LEU B 45 -11.51 -3.40 19.75
N VAL B 46 -12.44 -3.24 18.81
CA VAL B 46 -13.62 -2.40 18.94
C VAL B 46 -14.46 -2.71 20.19
N THR B 47 -14.83 -1.67 20.88
CA THR B 47 -15.60 -1.85 22.12
C THR B 47 -17.05 -1.47 21.85
N THR B 48 -17.36 -0.92 20.69
CA THR B 48 -18.71 -0.50 20.37
C THR B 48 -19.56 -1.64 19.84
N LYS B 49 -18.97 -2.79 19.70
CA LYS B 49 -19.73 -3.95 19.27
C LYS B 49 -18.84 -5.02 19.79
N ARG B 50 -19.36 -6.03 20.48
CA ARG B 50 -18.49 -7.07 21.01
C ARG B 50 -17.81 -7.78 19.83
N CYS B 51 -16.53 -8.08 19.91
CA CYS B 51 -15.81 -8.86 18.92
C CYS B 51 -15.19 -10.04 19.65
N HIS B 52 -15.08 -11.16 18.98
CA HIS B 52 -14.52 -12.39 19.53
C HIS B 52 -13.04 -12.53 19.22
N LEU B 53 -12.21 -12.25 20.19
CA LEU B 53 -10.76 -12.36 20.01
C LEU B 53 -10.43 -13.75 19.52
N ARG B 54 -11.21 -14.75 19.79
CA ARG B 54 -10.95 -16.14 19.35
C ARG B 54 -10.97 -16.44 17.84
N SER B 55 -11.89 -15.84 17.13
CA SER B 55 -11.97 -16.10 15.70
C SER B 55 -10.79 -15.35 15.10
N ILE B 56 -10.39 -14.22 15.67
CA ILE B 56 -9.26 -13.40 15.25
C ILE B 56 -7.95 -14.18 15.34
N ILE B 57 -7.73 -14.71 16.50
CA ILE B 57 -6.55 -15.53 16.77
C ILE B 57 -6.59 -16.73 15.86
N HIS B 58 -7.55 -17.58 15.66
CA HIS B 58 -7.43 -18.70 14.76
C HIS B 58 -7.15 -18.35 13.31
N GLU B 59 -7.80 -17.38 12.72
CA GLU B 59 -7.60 -16.96 11.36
C GLU B 59 -6.12 -16.54 11.30
N LEU B 60 -5.57 -15.76 12.22
CA LEU B 60 -4.16 -15.43 12.23
C LEU B 60 -3.21 -16.61 12.29
N LEU B 61 -3.44 -17.58 13.15
CA LEU B 61 -2.54 -18.75 13.26
C LEU B 61 -2.73 -19.65 12.05
N TRP B 62 -3.88 -19.71 11.42
CA TRP B 62 -4.15 -20.47 10.16
C TRP B 62 -3.27 -19.89 9.06
N PHE B 63 -3.13 -18.58 8.85
CA PHE B 63 -2.27 -17.86 7.94
C PHE B 63 -0.77 -18.16 8.21
N LEU B 64 -0.30 -17.98 9.43
CA LEU B 64 1.13 -18.19 9.72
C LEU B 64 1.52 -19.61 9.44
N GLN B 65 0.60 -20.56 9.46
CA GLN B 65 0.93 -22.01 9.22
C GLN B 65 1.05 -22.40 7.76
N GLY B 66 0.57 -21.49 6.88
CA GLY B 66 0.49 -21.53 5.44
C GLY B 66 -0.63 -22.37 4.84
N ASP B 67 -1.76 -22.43 5.51
CA ASP B 67 -2.96 -23.21 5.28
C ASP B 67 -3.91 -22.25 4.55
N THR B 68 -4.47 -23.06 3.62
CA THR B 68 -5.45 -22.58 2.63
C THR B 68 -6.68 -23.47 2.62
N ASN B 69 -6.86 -24.35 3.59
CA ASN B 69 -8.08 -25.18 3.75
C ASN B 69 -8.85 -24.76 5.01
N ILE B 70 -10.14 -24.48 4.83
CA ILE B 70 -10.97 -24.02 5.93
C ILE B 70 -11.21 -25.15 6.94
N ALA B 71 -10.53 -26.29 6.91
CA ALA B 71 -10.79 -27.34 7.89
C ALA B 71 -10.48 -26.82 9.30
N TYR B 72 -9.26 -26.40 9.50
CA TYR B 72 -8.75 -25.88 10.76
C TYR B 72 -9.76 -24.85 11.20
N LEU B 73 -10.29 -23.99 10.35
CA LEU B 73 -11.20 -22.91 10.63
C LEU B 73 -12.55 -23.44 11.03
N HIS B 74 -13.08 -24.51 10.43
CA HIS B 74 -14.38 -25.09 10.81
C HIS B 74 -14.25 -25.70 12.24
N GLU B 75 -13.31 -26.61 12.40
CA GLU B 75 -13.00 -27.18 13.69
C GLU B 75 -12.84 -26.20 14.82
N ASN B 76 -12.77 -24.90 14.62
CA ASN B 76 -12.55 -23.87 15.65
C ASN B 76 -13.60 -22.76 15.50
N ASN B 77 -14.65 -23.26 14.87
CA ASN B 77 -15.87 -22.47 14.64
C ASN B 77 -15.70 -21.21 13.84
N VAL B 78 -14.56 -20.92 13.19
CA VAL B 78 -14.51 -19.67 12.36
C VAL B 78 -15.15 -20.20 11.07
N THR B 79 -16.24 -19.56 10.70
CA THR B 79 -16.92 -19.96 9.48
C THR B 79 -16.98 -18.96 8.34
N ILE B 80 -16.48 -17.75 8.45
CA ILE B 80 -16.59 -16.77 7.35
C ILE B 80 -16.13 -17.26 5.98
N TRP B 81 -15.10 -18.08 6.01
CA TRP B 81 -14.47 -18.59 4.81
C TRP B 81 -15.11 -19.76 4.12
N ASP B 82 -16.12 -20.38 4.66
CA ASP B 82 -16.82 -21.59 4.17
C ASP B 82 -17.56 -21.53 2.85
N GLU B 83 -18.10 -20.39 2.48
CA GLU B 83 -18.81 -20.10 1.25
C GLU B 83 -17.90 -19.84 0.03
N TRP B 84 -16.57 -19.80 0.30
CA TRP B 84 -15.50 -19.57 -0.68
C TRP B 84 -14.68 -20.80 -1.01
N ALA B 85 -14.70 -21.76 -0.12
CA ALA B 85 -13.95 -23.00 -0.36
C ALA B 85 -14.69 -23.87 -1.35
N ASP B 86 -13.99 -24.82 -1.99
CA ASP B 86 -14.51 -25.83 -2.94
C ASP B 86 -15.05 -26.98 -2.11
N GLU B 87 -15.45 -28.09 -2.66
CA GLU B 87 -15.96 -29.25 -1.89
C GLU B 87 -14.90 -29.96 -1.01
N ASN B 88 -13.63 -29.63 -1.24
CA ASN B 88 -12.54 -30.21 -0.47
C ASN B 88 -12.17 -29.31 0.71
N GLY B 89 -12.61 -28.08 0.71
CA GLY B 89 -12.39 -27.04 1.72
C GLY B 89 -11.26 -26.12 1.26
N ASP B 90 -10.85 -26.11 0.02
CA ASP B 90 -9.77 -25.35 -0.56
C ASP B 90 -10.16 -24.01 -1.17
N LEU B 91 -9.31 -23.03 -0.89
CA LEU B 91 -9.49 -21.62 -1.32
C LEU B 91 -8.62 -21.14 -2.48
N GLY B 92 -7.58 -21.86 -2.71
CA GLY B 92 -6.50 -21.76 -3.68
C GLY B 92 -5.38 -21.16 -2.84
N PRO B 93 -4.39 -20.64 -3.49
CA PRO B 93 -3.21 -20.07 -2.80
C PRO B 93 -3.40 -18.70 -2.27
N VAL B 94 -4.31 -18.52 -1.32
CA VAL B 94 -4.71 -17.32 -0.60
C VAL B 94 -3.64 -16.99 0.43
N TYR B 95 -3.89 -15.96 1.17
CA TYR B 95 -2.99 -15.44 2.17
C TYR B 95 -1.94 -16.38 2.65
N GLY B 96 -2.27 -17.29 3.52
CA GLY B 96 -1.37 -18.27 4.11
C GLY B 96 -0.39 -18.79 3.05
N LYS B 97 -0.81 -19.19 1.89
CA LYS B 97 0.11 -19.72 0.91
C LYS B 97 1.23 -18.81 0.49
N GLN B 98 0.93 -17.62 0.18
CA GLN B 98 1.81 -16.51 -0.22
C GLN B 98 2.74 -16.05 0.87
N TRP B 99 2.33 -15.96 2.13
CA TRP B 99 3.15 -15.53 3.27
C TRP B 99 4.29 -16.50 3.53
N ARG B 100 3.99 -17.79 3.48
CA ARG B 100 4.86 -18.88 3.76
C ARG B 100 5.55 -19.58 2.60
N ALA B 101 4.97 -19.59 1.38
CA ALA B 101 5.57 -20.27 0.22
C ALA B 101 5.29 -19.58 -1.09
N TRP B 102 5.84 -18.35 -1.30
CA TRP B 102 5.50 -17.72 -2.59
C TRP B 102 6.29 -18.52 -3.65
N PRO B 103 5.62 -19.00 -4.66
CA PRO B 103 6.28 -19.79 -5.71
C PRO B 103 6.96 -18.85 -6.73
N THR B 104 8.27 -19.18 -6.86
CA THR B 104 9.10 -18.43 -7.87
C THR B 104 8.75 -19.02 -9.24
N PRO B 105 8.95 -18.24 -10.33
CA PRO B 105 8.64 -18.73 -11.69
C PRO B 105 9.46 -19.97 -11.92
N ASP B 106 10.55 -20.14 -11.18
CA ASP B 106 11.44 -21.31 -11.32
C ASP B 106 11.61 -22.43 -10.29
N GLY B 107 10.52 -22.98 -9.76
CA GLY B 107 10.31 -24.02 -8.83
C GLY B 107 10.58 -23.96 -7.35
N ARG B 108 11.14 -22.89 -6.86
CA ARG B 108 11.45 -22.64 -5.45
C ARG B 108 10.24 -21.94 -4.76
N HIS B 109 10.32 -21.72 -3.45
CA HIS B 109 9.36 -21.04 -2.62
C HIS B 109 10.12 -20.10 -1.68
N ILE B 110 9.59 -18.87 -1.60
CA ILE B 110 10.16 -17.88 -0.64
C ILE B 110 9.18 -17.88 0.55
N ASP B 111 9.65 -17.93 1.75
CA ASP B 111 8.99 -17.91 3.05
C ASP B 111 9.17 -16.49 3.55
N GLN B 112 8.15 -15.70 3.22
CA GLN B 112 8.21 -14.26 3.62
C GLN B 112 8.19 -14.00 5.10
N ILE B 113 7.60 -14.82 6.02
CA ILE B 113 7.64 -14.53 7.49
C ILE B 113 9.00 -14.77 8.12
N THR B 114 9.66 -15.84 7.69
CA THR B 114 11.06 -16.21 8.02
C THR B 114 11.93 -15.08 7.46
N THR B 115 11.82 -14.62 6.21
CA THR B 115 12.62 -13.47 5.78
C THR B 115 12.40 -12.31 6.71
N VAL B 116 11.20 -11.90 6.98
CA VAL B 116 10.84 -10.73 7.83
C VAL B 116 11.42 -10.88 9.18
N LEU B 117 11.30 -12.07 9.81
CA LEU B 117 11.90 -12.32 11.11
C LEU B 117 13.37 -12.07 11.23
N ASN B 118 14.07 -12.57 10.25
CA ASN B 118 15.51 -12.51 10.05
C ASN B 118 15.92 -11.13 9.72
N GLN B 119 15.09 -10.33 9.05
CA GLN B 119 15.47 -8.92 8.77
C GLN B 119 15.27 -8.12 10.06
N LEU B 120 14.19 -8.44 10.82
CA LEU B 120 13.98 -7.74 12.05
C LEU B 120 15.13 -8.09 13.00
N LYS B 121 15.62 -9.31 12.93
CA LYS B 121 16.72 -9.62 13.85
C LYS B 121 18.10 -9.14 13.42
N ASN B 122 18.44 -9.13 12.15
CA ASN B 122 19.70 -8.75 11.60
C ASN B 122 19.84 -7.36 10.96
N ASP B 123 18.81 -6.79 10.43
CA ASP B 123 18.73 -5.51 9.72
C ASP B 123 17.41 -4.76 10.00
N PRO B 124 17.25 -4.26 11.22
CA PRO B 124 16.05 -3.57 11.64
C PRO B 124 15.81 -2.27 10.92
N ASP B 125 16.87 -1.62 10.47
CA ASP B 125 16.68 -0.35 9.75
C ASP B 125 16.15 -0.52 8.32
N SER B 126 16.19 -1.69 7.83
CA SER B 126 15.80 -2.01 6.46
C SER B 126 14.50 -1.29 6.08
N ARG B 127 14.42 -0.79 4.83
CA ARG B 127 13.19 -0.14 4.40
C ARG B 127 12.49 -1.16 3.50
N ARG B 128 12.91 -2.42 3.50
CA ARG B 128 12.34 -3.45 2.65
C ARG B 128 11.78 -4.61 3.51
N ILE B 129 11.19 -4.37 4.64
CA ILE B 129 10.66 -5.46 5.48
C ILE B 129 9.17 -5.59 5.15
N ILE B 130 8.92 -6.22 4.06
CA ILE B 130 7.61 -6.39 3.45
C ILE B 130 7.06 -7.79 3.28
N VAL B 131 5.74 -7.91 3.39
CA VAL B 131 5.07 -9.17 3.12
C VAL B 131 3.98 -8.86 2.11
N SER B 132 3.92 -9.55 0.99
CA SER B 132 2.88 -9.32 -0.05
C SER B 132 2.07 -10.55 -0.27
N ALA B 133 0.78 -10.54 -0.27
CA ALA B 133 -0.04 -11.65 -0.60
C ALA B 133 -0.47 -11.49 -2.09
N TRP B 134 -0.21 -10.34 -2.70
CA TRP B 134 -0.61 -9.98 -4.07
C TRP B 134 0.31 -10.64 -5.11
N ASN B 135 0.11 -11.95 -5.28
CA ASN B 135 0.90 -12.73 -6.22
C ASN B 135 0.11 -12.69 -7.50
N VAL B 136 0.51 -11.78 -8.40
CA VAL B 136 -0.15 -11.54 -9.71
C VAL B 136 -0.44 -12.80 -10.55
N GLY B 137 0.52 -13.65 -10.60
CA GLY B 137 0.70 -14.94 -11.21
C GLY B 137 -0.21 -16.07 -10.73
N GLU B 138 -0.74 -15.85 -9.49
CA GLU B 138 -1.64 -16.87 -8.93
C GLU B 138 -2.96 -16.24 -8.61
N LEU B 139 -3.32 -15.02 -8.95
CA LEU B 139 -4.59 -14.42 -8.64
C LEU B 139 -5.74 -15.24 -9.19
N ASP B 140 -5.63 -15.73 -10.38
CA ASP B 140 -6.77 -16.50 -10.93
C ASP B 140 -7.13 -17.83 -10.23
N LYS B 141 -6.26 -18.37 -9.39
CA LYS B 141 -6.45 -19.63 -8.71
C LYS B 141 -7.03 -19.37 -7.34
N MET B 142 -7.04 -18.17 -6.82
CA MET B 142 -7.53 -17.79 -5.49
C MET B 142 -9.06 -17.71 -5.44
N ALA B 143 -9.73 -18.17 -4.37
CA ALA B 143 -11.22 -18.06 -4.37
C ALA B 143 -11.60 -16.61 -4.32
N LEU B 144 -10.72 -15.84 -3.68
CA LEU B 144 -10.83 -14.38 -3.46
C LEU B 144 -9.42 -13.79 -3.46
N ALA B 145 -9.26 -12.68 -4.13
CA ALA B 145 -8.04 -11.92 -4.25
C ALA B 145 -7.80 -11.23 -2.89
N PRO B 146 -6.56 -11.26 -2.41
CA PRO B 146 -6.25 -10.70 -1.13
C PRO B 146 -6.87 -9.34 -0.98
N CYS B 147 -7.61 -9.11 0.09
CA CYS B 147 -8.14 -7.81 0.55
C CYS B 147 -7.04 -7.01 1.29
N HIS B 148 -6.42 -7.59 2.31
CA HIS B 148 -5.28 -7.17 3.11
C HIS B 148 -4.11 -7.66 2.27
N ALA B 149 -3.61 -6.87 1.31
CA ALA B 149 -2.66 -7.40 0.37
C ALA B 149 -1.20 -7.26 0.56
N PHE B 150 -0.78 -6.20 1.23
CA PHE B 150 0.64 -5.85 1.34
C PHE B 150 0.91 -5.26 2.69
N PHE B 151 1.98 -5.58 3.44
CA PHE B 151 2.20 -4.96 4.75
C PHE B 151 3.73 -4.84 4.92
N GLN B 152 4.08 -3.80 5.63
CA GLN B 152 5.52 -3.51 5.83
C GLN B 152 5.76 -3.25 7.28
N PHE B 153 6.92 -3.63 7.77
CA PHE B 153 7.35 -3.43 9.15
C PHE B 153 8.41 -2.36 9.13
N TYR B 154 8.62 -1.79 10.30
CA TYR B 154 9.61 -0.72 10.51
C TYR B 154 10.03 -0.61 11.95
N VAL B 155 11.29 -0.49 12.27
CA VAL B 155 11.75 -0.32 13.65
C VAL B 155 12.39 1.06 13.71
N ALA B 156 12.07 1.83 14.73
CA ALA B 156 12.57 3.17 15.03
C ALA B 156 12.64 3.17 16.58
N ASP B 157 13.85 3.36 17.10
CA ASP B 157 14.06 3.36 18.57
C ASP B 157 13.58 2.11 19.30
N GLY B 158 13.98 0.90 19.01
CA GLY B 158 13.42 -0.25 19.73
C GLY B 158 11.93 -0.53 19.58
N LYS B 159 11.13 0.14 18.73
CA LYS B 159 9.70 -0.21 18.55
C LYS B 159 9.39 -0.75 17.14
N LEU B 160 8.52 -1.76 17.01
CA LEU B 160 8.08 -2.34 15.78
C LEU B 160 6.68 -1.81 15.42
N SER B 161 6.60 -1.15 14.28
CA SER B 161 5.40 -0.64 13.69
C SER B 161 5.13 -1.46 12.43
N CYS B 162 3.89 -1.42 11.98
CA CYS B 162 3.45 -2.13 10.79
C CYS B 162 2.45 -1.26 10.07
N GLN B 163 2.55 -1.20 8.76
CA GLN B 163 1.57 -0.51 7.93
C GLN B 163 0.92 -1.53 7.02
N LEU B 164 -0.38 -1.59 6.98
CA LEU B 164 -1.06 -2.46 6.06
C LEU B 164 -1.70 -1.69 4.89
N TYR B 165 -1.69 -2.12 3.67
CA TYR B 165 -2.39 -1.62 2.51
C TYR B 165 -3.56 -2.57 2.22
N GLN B 166 -4.80 -2.11 2.37
CA GLN B 166 -6.05 -2.85 2.19
C GLN B 166 -6.80 -2.32 0.99
N ARG B 167 -6.77 -3.18 -0.03
CA ARG B 167 -7.38 -2.74 -1.34
C ARG B 167 -8.86 -2.65 -1.30
N SER B 168 -9.54 -3.43 -0.49
CA SER B 168 -11.02 -3.45 -0.42
C SER B 168 -11.34 -3.84 1.01
N CYS B 169 -12.26 -3.04 1.51
CA CYS B 169 -12.69 -3.13 2.92
C CYS B 169 -14.15 -2.94 3.22
N ASP B 170 -14.73 -3.96 3.76
CA ASP B 170 -16.12 -4.04 4.26
C ASP B 170 -15.93 -3.40 5.63
N VAL B 171 -16.25 -2.13 5.76
CA VAL B 171 -16.07 -1.39 7.02
C VAL B 171 -16.79 -2.05 8.16
N PHE B 172 -18.08 -2.30 8.14
CA PHE B 172 -18.83 -2.89 9.24
C PHE B 172 -18.43 -4.29 9.63
N LEU B 173 -18.31 -5.23 8.69
CA LEU B 173 -17.99 -6.62 9.03
C LEU B 173 -16.54 -6.94 9.23
N GLY B 174 -15.69 -6.76 8.23
CA GLY B 174 -14.31 -7.18 8.36
C GLY B 174 -13.36 -6.26 9.03
N LEU B 175 -13.38 -4.97 8.95
CA LEU B 175 -12.42 -4.05 9.52
C LEU B 175 -12.06 -4.35 10.94
N PRO B 176 -13.01 -4.51 11.88
CA PRO B 176 -12.72 -4.83 13.26
C PRO B 176 -11.75 -5.99 13.32
N PHE B 177 -11.95 -7.00 12.51
CA PHE B 177 -11.17 -8.22 12.44
C PHE B 177 -9.74 -7.98 11.97
N ASN B 178 -9.49 -7.29 10.94
CA ASN B 178 -8.20 -6.99 10.32
C ASN B 178 -7.37 -6.14 11.29
N ILE B 179 -7.97 -5.15 11.96
CA ILE B 179 -7.19 -4.32 12.88
C ILE B 179 -6.65 -5.12 14.02
N ALA B 180 -7.40 -5.99 14.66
CA ALA B 180 -7.00 -6.82 15.81
C ALA B 180 -5.97 -7.88 15.40
N SER B 181 -6.18 -8.52 14.26
CA SER B 181 -5.29 -9.55 13.68
C SER B 181 -3.91 -8.94 13.43
N TYR B 182 -3.83 -7.80 12.78
CA TYR B 182 -2.57 -7.12 12.46
C TYR B 182 -2.01 -6.63 13.78
N ALA B 183 -2.70 -6.11 14.76
CA ALA B 183 -2.19 -5.68 16.03
C ALA B 183 -1.59 -6.90 16.69
N LEU B 184 -2.27 -8.01 16.61
CA LEU B 184 -1.79 -9.27 17.23
C LEU B 184 -0.45 -9.69 16.64
N LEU B 185 -0.26 -9.72 15.34
CA LEU B 185 0.97 -10.09 14.63
C LEU B 185 2.14 -9.23 15.02
N VAL B 186 1.98 -7.95 15.17
CA VAL B 186 2.98 -6.96 15.60
C VAL B 186 3.44 -7.36 17.02
N HIS B 187 2.49 -7.74 17.87
CA HIS B 187 2.70 -8.19 19.23
C HIS B 187 3.56 -9.43 19.15
N MET B 188 3.30 -10.45 18.42
CA MET B 188 3.97 -11.69 18.22
C MET B 188 5.31 -11.45 17.53
N MET B 189 5.35 -10.65 16.45
CA MET B 189 6.65 -10.33 15.84
C MET B 189 7.51 -9.59 16.89
N ALA B 190 7.11 -8.63 17.64
CA ALA B 190 7.84 -7.89 18.67
C ALA B 190 8.41 -8.75 19.80
N GLN B 191 7.72 -9.79 20.27
CA GLN B 191 8.17 -10.74 21.28
C GLN B 191 9.24 -11.67 20.74
N GLN B 192 9.11 -12.21 19.56
CA GLN B 192 10.10 -13.09 18.95
C GLN B 192 11.47 -12.45 18.64
N CYS B 193 11.37 -11.11 18.48
CA CYS B 193 12.41 -10.17 18.14
C CYS B 193 12.87 -9.22 19.21
N ASP B 194 12.32 -9.26 20.40
CA ASP B 194 12.75 -8.41 21.50
C ASP B 194 12.58 -6.94 21.15
N LEU B 195 11.41 -6.50 20.68
CA LEU B 195 11.18 -5.07 20.39
C LEU B 195 9.96 -4.68 21.20
N GLU B 196 9.70 -3.41 21.25
CA GLU B 196 8.49 -2.85 21.89
C GLU B 196 7.44 -2.62 20.81
N VAL B 197 6.14 -2.52 21.05
CA VAL B 197 5.13 -2.34 20.03
C VAL B 197 5.13 -0.93 19.57
N GLY B 198 5.06 -0.54 18.34
CA GLY B 198 5.01 0.89 17.96
C GLY B 198 3.55 1.11 17.56
N ASP B 199 3.31 1.47 16.33
CA ASP B 199 2.01 1.78 15.78
C ASP B 199 1.58 0.80 14.73
N PHE B 200 0.28 0.71 14.61
CA PHE B 200 -0.34 -0.13 13.55
C PHE B 200 -0.93 0.92 12.61
N VAL B 201 -0.47 1.10 11.37
CA VAL B 201 -0.93 2.05 10.36
C VAL B 201 -1.82 1.34 9.36
N TRP B 202 -3.07 1.70 9.18
CA TRP B 202 -4.05 1.03 8.35
C TRP B 202 -4.30 1.94 7.17
N THR B 203 -4.03 1.56 5.94
CA THR B 203 -4.29 2.33 4.76
C THR B 203 -5.29 1.59 3.87
N GLY B 204 -6.39 2.29 3.47
CA GLY B 204 -7.37 1.54 2.66
C GLY B 204 -7.55 1.99 1.25
N GLY B 205 -7.89 1.06 0.39
CA GLY B 205 -8.22 1.37 -1.00
C GLY B 205 -9.75 1.68 -1.06
N ASP B 206 -10.53 0.87 -1.65
CA ASP B 206 -11.99 0.99 -1.76
C ASP B 206 -12.46 0.64 -0.36
N THR B 207 -12.85 1.60 0.43
CA THR B 207 -13.36 1.40 1.81
C THR B 207 -14.86 1.57 1.76
N HIS B 208 -15.67 0.56 2.05
CA HIS B 208 -17.12 0.67 1.90
C HIS B 208 -17.98 0.10 2.98
N LEU B 209 -19.22 0.58 2.86
CA LEU B 209 -20.29 0.11 3.79
C LEU B 209 -21.32 -0.50 2.83
N TYR B 210 -21.79 -1.71 3.06
CA TYR B 210 -22.86 -2.26 2.19
C TYR B 210 -24.16 -1.51 2.46
N SER B 211 -25.01 -1.28 1.49
CA SER B 211 -26.25 -0.49 1.63
C SER B 211 -27.19 -1.18 2.59
N ASN B 212 -26.93 -2.35 3.03
CA ASN B 212 -27.66 -3.16 3.98
C ASN B 212 -27.01 -3.31 5.37
N HIS B 213 -26.12 -2.39 5.74
CA HIS B 213 -25.44 -2.39 7.03
C HIS B 213 -25.70 -1.03 7.65
N MET B 214 -26.60 -0.25 7.08
CA MET B 214 -26.95 1.08 7.52
C MET B 214 -27.59 1.17 8.89
N ASP B 215 -28.64 0.44 9.16
CA ASP B 215 -29.29 0.47 10.48
C ASP B 215 -28.28 0.10 11.56
N GLN B 216 -27.54 -0.94 11.31
CA GLN B 216 -26.49 -1.48 12.19
C GLN B 216 -25.42 -0.43 12.30
N THR B 217 -24.94 0.23 11.30
CA THR B 217 -23.96 1.31 11.37
C THR B 217 -24.50 2.48 12.19
N HIS B 218 -25.74 2.91 11.97
CA HIS B 218 -26.38 3.96 12.73
C HIS B 218 -26.40 3.66 14.21
N LEU B 219 -26.72 2.44 14.60
CA LEU B 219 -26.84 1.81 15.89
C LEU B 219 -25.52 1.89 16.58
N GLN B 220 -24.42 1.62 15.89
CA GLN B 220 -23.01 1.60 16.33
C GLN B 220 -22.51 3.04 16.54
N LEU B 221 -22.76 3.92 15.59
CA LEU B 221 -22.31 5.28 15.71
C LEU B 221 -22.81 5.96 16.97
N SER B 222 -23.87 5.43 17.58
CA SER B 222 -24.45 6.04 18.80
C SER B 222 -24.02 5.43 20.11
N ARG B 223 -23.04 4.55 20.18
CA ARG B 223 -22.53 3.95 21.38
C ARG B 223 -21.24 4.64 21.76
N GLU B 224 -20.91 4.61 23.04
CA GLU B 224 -19.74 5.28 23.56
C GLU B 224 -18.61 4.29 23.59
N PRO B 225 -17.59 4.70 22.89
CA PRO B 225 -16.42 3.81 22.84
C PRO B 225 -15.91 3.84 24.29
N ARG B 226 -15.36 2.72 24.72
CA ARG B 226 -14.79 2.51 26.03
C ARG B 226 -13.26 2.26 25.96
N PRO B 227 -12.63 2.37 27.12
CA PRO B 227 -11.15 2.17 27.21
C PRO B 227 -10.77 0.87 26.51
N LEU B 228 -9.67 0.90 25.80
CA LEU B 228 -9.20 -0.29 25.06
C LEU B 228 -8.70 -1.34 26.04
N PRO B 229 -8.85 -2.59 25.65
CA PRO B 229 -8.38 -3.73 26.45
C PRO B 229 -6.84 -3.78 26.40
N LYS B 230 -6.25 -4.80 27.00
CA LYS B 230 -4.85 -5.03 27.04
C LYS B 230 -4.61 -6.50 26.76
N LEU B 231 -3.68 -6.72 25.89
CA LEU B 231 -3.25 -8.03 25.45
C LEU B 231 -2.09 -8.42 26.38
N ILE B 232 -2.09 -9.69 26.67
CA ILE B 232 -1.20 -10.50 27.44
C ILE B 232 -0.83 -11.76 26.62
N ILE B 233 0.46 -11.90 26.47
CA ILE B 233 0.99 -13.07 25.80
C ILE B 233 1.58 -13.91 26.95
N LYS B 234 0.82 -14.94 27.30
CA LYS B 234 1.14 -15.79 28.44
C LYS B 234 2.45 -16.56 28.40
N ARG B 235 2.94 -16.93 27.23
CA ARG B 235 4.17 -17.68 27.05
C ARG B 235 4.89 -17.21 25.81
N LYS B 236 6.20 -17.25 25.82
CA LYS B 236 7.08 -16.93 24.74
C LYS B 236 7.56 -18.28 24.13
N PRO B 237 6.85 -18.68 23.07
CA PRO B 237 7.13 -19.85 22.30
C PRO B 237 8.50 -19.61 21.70
N GLU B 238 9.07 -20.66 21.19
CA GLU B 238 10.39 -20.80 20.62
C GLU B 238 10.53 -20.24 19.22
N SER B 239 9.36 -20.01 18.57
CA SER B 239 9.18 -19.45 17.22
C SER B 239 7.83 -18.80 16.98
N ILE B 240 7.73 -17.90 16.01
CA ILE B 240 6.56 -17.12 15.61
C ILE B 240 5.41 -18.06 15.16
N PHE B 241 5.84 -19.26 14.87
CA PHE B 241 5.02 -20.36 14.39
C PHE B 241 4.48 -21.27 15.48
N ASP B 242 4.97 -21.13 16.70
CA ASP B 242 4.59 -21.99 17.80
C ASP B 242 3.47 -21.43 18.65
N TYR B 243 2.88 -20.32 18.30
CA TYR B 243 1.82 -19.82 19.13
C TYR B 243 0.58 -20.74 19.01
N ARG B 244 -0.21 -20.50 20.05
CA ARG B 244 -1.46 -21.25 20.15
C ARG B 244 -2.40 -20.33 20.87
N PHE B 245 -3.62 -20.75 20.72
CA PHE B 245 -4.72 -19.95 21.29
C PHE B 245 -4.57 -19.68 22.76
N GLU B 246 -4.35 -20.69 23.61
CA GLU B 246 -4.16 -20.52 25.07
C GLU B 246 -3.18 -19.45 25.53
N ASP B 247 -2.27 -19.05 24.64
CA ASP B 247 -1.17 -18.12 24.81
C ASP B 247 -1.62 -16.70 24.94
N PHE B 248 -2.80 -16.36 24.45
CA PHE B 248 -3.28 -14.97 24.48
C PHE B 248 -4.50 -14.78 25.40
N GLU B 249 -4.52 -13.60 26.01
CA GLU B 249 -5.62 -13.21 26.88
C GLU B 249 -5.85 -11.70 26.71
N ILE B 250 -7.08 -11.26 26.89
CA ILE B 250 -7.55 -9.89 26.82
C ILE B 250 -8.15 -9.46 28.18
N GLU B 251 -7.52 -8.46 28.80
CA GLU B 251 -7.92 -7.84 30.05
C GLU B 251 -8.63 -6.49 29.96
N GLY B 252 -9.76 -6.23 30.57
CA GLY B 252 -10.47 -4.99 30.53
C GLY B 252 -11.33 -4.76 29.30
N TYR B 253 -11.69 -5.87 28.68
CA TYR B 253 -12.53 -5.78 27.44
C TYR B 253 -14.00 -5.77 27.89
N ASP B 254 -14.61 -4.63 27.73
CA ASP B 254 -16.04 -4.59 28.10
C ASP B 254 -16.83 -3.90 26.98
N PRO B 255 -17.20 -4.69 25.96
CA PRO B 255 -17.85 -4.07 24.84
C PRO B 255 -19.34 -3.96 25.07
N HIS B 256 -19.99 -3.25 24.20
CA HIS B 256 -21.39 -3.04 23.96
C HIS B 256 -21.74 -4.34 23.25
N PRO B 257 -22.96 -4.80 23.35
CA PRO B 257 -23.39 -6.08 22.79
C PRO B 257 -23.05 -6.15 21.31
N GLY B 258 -22.89 -7.37 20.87
CA GLY B 258 -22.61 -7.63 19.44
C GLY B 258 -23.68 -7.11 18.52
N ILE B 259 -23.47 -6.83 17.25
CA ILE B 259 -24.49 -6.34 16.30
C ILE B 259 -24.48 -7.28 15.10
N LYS B 260 -25.54 -7.94 14.75
CA LYS B 260 -25.67 -8.89 13.67
C LYS B 260 -26.00 -8.16 12.40
N ALA B 261 -25.36 -8.66 11.39
CA ALA B 261 -25.50 -8.16 10.01
C ALA B 261 -25.15 -9.25 8.98
N PRO B 262 -25.95 -9.20 7.90
CA PRO B 262 -25.79 -10.14 6.77
C PRO B 262 -24.49 -9.99 5.97
N VAL B 263 -23.89 -11.13 5.60
CA VAL B 263 -22.62 -11.10 4.82
C VAL B 263 -23.02 -10.99 3.34
N ALA B 264 -22.30 -10.20 2.57
CA ALA B 264 -22.64 -9.99 1.15
C ALA B 264 -21.87 -10.95 0.29
N ILE B 265 -22.57 -11.86 -0.33
CA ILE B 265 -22.04 -12.88 -1.24
C ILE B 265 -22.68 -12.73 -2.65
P DGP C . 16.37 1.26 0.05
OP1 DGP C . 17.23 0.76 1.12
OP2 DGP C . 15.07 1.73 0.58
OP3 DGP C . 16.02 0.08 -0.88
O5' DGP C . 16.80 2.43 -0.89
C5' DGP C . 16.40 3.15 -1.87
C4' DGP C . 16.82 4.71 -1.44
O4' DGP C . 16.46 5.41 -2.64
C3' DGP C . 15.80 5.29 -0.45
O3' DGP C . 16.33 6.53 0.04
C2' DGP C . 14.58 5.43 -1.24
C1' DGP C . 15.29 6.18 -2.44
N9 DGP C . 14.59 6.05 -3.65
C8 DGP C . 14.83 5.14 -4.64
N7 DGP C . 13.98 5.18 -5.71
C5 DGP C . 13.14 6.21 -5.37
C6 DGP C . 12.06 6.78 -6.03
O6 DGP C . 11.52 6.58 -7.14
N1 DGP C . 11.55 7.79 -5.33
C2 DGP C . 11.88 8.29 -4.13
N2 DGP C . 11.31 9.29 -3.53
N3 DGP C . 12.88 7.78 -3.48
C4 DGP C . 13.47 6.76 -4.14
C1 F89 D . 16.29 8.79 -5.15
O1A F89 D . 15.41 9.62 -5.24
N2 F89 D . 17.09 8.80 -4.09
C3 F89 D . 18.14 7.84 -3.85
C3M F89 D . 18.99 7.88 -2.63
N4 F89 D . 18.36 6.93 -4.74
C4A F89 D . 17.64 6.77 -5.98
C5 F89 D . 17.91 5.71 -6.84
C6 F89 D . 17.23 5.57 -8.04
C6A F89 D . 16.20 6.46 -8.37
C7 F89 D . 15.46 6.29 -9.54
C8 F89 D . 14.49 7.16 -9.90
C9 F89 D . 14.09 8.20 -9.04
C10 F89 D . 14.76 8.37 -7.80
C1B F89 D . 15.84 7.50 -7.47
C1A F89 D . 16.55 7.66 -6.26
C11 F89 D . 12.85 9.07 -9.33
N12 F89 D . 12.69 9.63 -10.66
C13 F89 D . 13.58 10.46 -11.43
C14 F89 D . 14.55 11.10 -10.66
C15 F89 D . 15.46 11.94 -11.35
C16 F89 D . 15.38 12.14 -12.74
C17 F89 D . 14.40 11.48 -13.50
C18 F89 D . 13.49 10.66 -12.84
C19 F89 D . 16.52 12.87 -10.82
C F89 D . 16.46 13.08 -13.14
O F89 D . 16.61 13.24 -14.35
N F89 D . 17.05 13.57 -12.06
CA F89 D . 18.04 14.56 -11.61
CT F89 D . 17.84 16.05 -11.16
O1 F89 D . 17.01 16.78 -12.07
O2 F89 D . 18.44 16.59 -10.16
CB F89 D . 19.44 14.39 -12.26
CG F89 D . 20.35 13.32 -11.62
CD F89 D . 20.76 12.43 -12.84
OE1 F89 D . 21.68 11.61 -12.68
OE2 F89 D . 19.98 12.80 -13.94
P DGP E . -13.92 -7.74 -3.91
OP1 DGP E . -14.66 -7.52 -5.10
OP2 DGP E . -13.47 -6.47 -3.32
OP3 DGP E . -12.83 -8.73 -3.98
O5' DGP E . -14.97 -8.30 -2.87
C5' DGP E . -14.73 -8.68 -1.55
C4' DGP E . -15.74 -8.01 -0.65
O4' DGP E . -15.51 -8.56 0.64
C3' DGP E . -15.50 -6.52 -0.36
O3' DGP E . -16.59 -5.99 0.42
C2' DGP E . -14.33 -6.49 0.61
C1' DGP E . -14.89 -7.65 1.56
N9 DGP E . -13.85 -8.33 2.26
C8 DGP E . -13.31 -9.53 1.96
N7 DGP E . -12.33 -9.95 2.79
C5 DGP E . -12.27 -8.92 3.72
C6 DGP E . -11.39 -8.79 4.83
O6 DGP E . -10.49 -9.54 5.30
N1 DGP E . -11.55 -7.69 5.53
C2 DGP E . -12.50 -6.73 5.18
N2 DGP E . -12.49 -5.66 5.90
N3 DGP E . -13.32 -6.77 4.14
C4 DGP E . -13.16 -7.95 3.45
C1 F89 F . -15.92 -9.55 5.02
O1A F89 F . -15.59 -8.86 6.00
N2 F89 F . -16.94 -9.08 4.25
C3 F89 F . -17.44 -9.82 3.10
C3M F89 F . -18.55 -9.29 2.26
N4 F89 F . -16.89 -10.93 2.76
C4A F89 F . -15.81 -11.57 3.48
C5 F89 F . -15.32 -12.78 3.02
C6 F89 F . -14.27 -13.41 3.70
C6A F89 F . -13.70 -12.83 4.82
C7 F89 F . -12.69 -13.51 5.53
C8 F89 F . -12.12 -12.92 6.65
C9 F89 F . -12.56 -11.68 7.10
C10 F89 F . -13.61 -11.04 6.47
C1B F89 F . -14.20 -11.58 5.31
C1A F89 F . -15.26 -10.94 4.63
C11 F89 F . -11.95 -11.02 8.33
N12 F89 F . -11.51 -12.07 9.30
C13 F89 F . -12.54 -12.71 10.10
C14 F89 F . -13.87 -12.33 9.80
C15 F89 F . -14.90 -12.93 10.56
C16 F89 F . -14.63 -13.87 11.57
C17 F89 F . -13.29 -14.25 11.82
C18 F89 F . -12.25 -13.64 11.08
C19 F89 F . -16.39 -12.80 10.58
C F89 F . -15.88 -14.37 12.23
O F89 F . -15.73 -15.29 13.08
N F89 F . -16.90 -13.68 11.72
CA F89 F . -18.41 -13.46 11.89
CT F89 F . -19.09 -12.88 13.15
O1 F89 F . -19.06 -13.84 14.17
O2 F89 F . -19.60 -11.74 13.48
CB F89 F . -19.05 -14.43 10.84
CG F89 F . -17.97 -15.64 10.81
CD F89 F . -18.57 -16.85 11.56
OE1 F89 F . -17.92 -17.89 11.91
OE2 F89 F . -19.94 -16.64 11.78
#